data_5TWA
#
_entry.id   5TWA
#
_cell.length_a   68.311
_cell.length_b   51.594
_cell.length_c   107.802
_cell.angle_alpha   90.00
_cell.angle_beta   96.34
_cell.angle_gamma   90.00
#
_symmetry.space_group_name_H-M   'I 1 2 1'
#
loop_
_entity.id
_entity.type
_entity.pdbx_description
1 polymer 'Bcl-x homologous protein, BHP2'
2 polymer 'BAK-2 protein'
3 non-polymer 1,2-ETHANEDIOL
4 non-polymer 2-[3-(2-HYDROXY-1,1-DIHYDROXYMETHYL-ETHYLAMINO)-PROPYLAMINO]-2-HYDROXYMETHYL-PROPANE-1,3-DIOL
5 water water
#
loop_
_entity_poly.entity_id
_entity_poly.type
_entity_poly.pdbx_seq_one_letter_code
_entity_poly.pdbx_strand_id
1 'polypeptide(L)'
;GPLGSSRLYLQNTAVMEELYRRNLSEDLVRDNGLSCGGREYWREPASTVGAASDGLSEEERRTAADAAERMTAVIAGTPG
IAVERNVRDFRRGGWDVTPDNVESEFREVERRTFSDGVHWGRVIAFLAFSMSFAAYVNSRGIDGGAYSVFNWTLRVLNDS
LADFIQRENGWRGFIVYADTLLRAQGS
;
A,B
2 'polypeptide(L)' ASSMASEVGRRLAEFGDQVDGQFYQ D,C
#
loop_
_chem_comp.id
_chem_comp.type
_chem_comp.name
_chem_comp.formula
B3P non-polymer 2-[3-(2-HYDROXY-1,1-DIHYDROXYMETHYL-ETHYLAMINO)-PROPYLAMINO]-2-HYDROXYMETHYL-PROPANE-1,3-DIOL 'C11 H26 N2 O6'
EDO non-polymer 1,2-ETHANEDIOL 'C2 H6 O2'
#
# COMPACT_ATOMS: atom_id res chain seq x y z
N GLY A 1 -26.15 -22.95 15.49
CA GLY A 1 -24.73 -22.99 15.20
C GLY A 1 -23.87 -23.15 16.44
N PRO A 2 -22.64 -22.61 16.39
CA PRO A 2 -21.70 -22.79 17.51
C PRO A 2 -22.04 -21.97 18.75
N LEU A 3 -21.14 -22.00 19.73
CA LEU A 3 -21.36 -21.29 21.00
C LEU A 3 -21.52 -19.79 20.75
N GLY A 4 -22.46 -19.19 21.47
CA GLY A 4 -22.68 -17.76 21.34
C GLY A 4 -23.09 -17.33 19.95
N SER A 5 -23.87 -18.16 19.25
CA SER A 5 -24.29 -17.83 17.88
C SER A 5 -25.09 -16.53 17.85
N SER A 6 -26.01 -16.35 18.81
CA SER A 6 -26.90 -15.19 18.79
C SER A 6 -26.12 -13.89 18.81
N ARG A 7 -25.12 -13.79 19.69
CA ARG A 7 -24.31 -12.58 19.74
C ARG A 7 -23.44 -12.44 18.48
N LEU A 8 -22.96 -13.55 17.92
CA LEU A 8 -22.11 -13.47 16.74
C LEU A 8 -22.89 -12.99 15.54
N TYR A 9 -24.15 -13.41 15.41
CA TYR A 9 -25.01 -12.91 14.35
C TYR A 9 -25.07 -11.39 14.36
N LEU A 10 -25.36 -10.82 15.53
CA LEU A 10 -25.45 -9.37 15.65
C LEU A 10 -24.11 -8.72 15.39
N GLN A 11 -23.02 -9.35 15.85
CA GLN A 11 -21.71 -8.76 15.68
C GLN A 11 -21.24 -8.89 14.23
N ASN A 12 -21.53 -10.01 13.57
CA ASN A 12 -21.25 -10.13 12.15
C ASN A 12 -22.00 -9.06 11.36
N THR A 13 -23.25 -8.76 11.76
CA THR A 13 -24.00 -7.70 11.09
C THR A 13 -23.29 -6.36 11.22
N ALA A 14 -22.80 -6.04 12.43
CA ALA A 14 -22.15 -4.76 12.65
C ALA A 14 -20.82 -4.68 11.88
N VAL A 15 -20.07 -5.76 11.85
CA VAL A 15 -18.82 -5.78 11.09
C VAL A 15 -19.10 -5.48 9.62
N MET A 16 -20.15 -6.10 9.07
CA MET A 16 -20.46 -5.91 7.65
C MET A 16 -20.92 -4.48 7.37
N GLU A 17 -21.78 -3.93 8.23
CA GLU A 17 -22.23 -2.55 8.05
C GLU A 17 -21.06 -1.58 8.04
N GLU A 18 -20.12 -1.77 8.98
CA GLU A 18 -18.94 -0.92 9.08
C GLU A 18 -18.00 -1.14 7.90
N LEU A 19 -17.82 -2.41 7.50
CA LEU A 19 -16.94 -2.71 6.39
C LEU A 19 -17.45 -2.09 5.10
N TYR A 20 -18.72 -2.29 4.78
CA TYR A 20 -19.26 -1.77 3.54
C TYR A 20 -19.32 -0.25 3.55
N ARG A 21 -19.57 0.35 4.72
CA ARG A 21 -19.55 1.81 4.79
C ARG A 21 -18.16 2.36 4.54
N ARG A 22 -17.14 1.71 5.11
CA ARG A 22 -15.77 2.21 5.02
C ARG A 22 -15.19 2.08 3.63
N ASN A 23 -15.72 1.19 2.79
CA ASN A 23 -15.13 0.90 1.49
C ASN A 23 -15.98 1.32 0.30
N LEU A 24 -17.28 1.54 0.48
CA LEU A 24 -18.15 1.83 -0.66
C LEU A 24 -18.83 3.20 -0.56
N GLU A 40 -25.12 3.11 1.52
CA GLU A 40 -26.23 3.52 0.66
C GLU A 40 -26.85 2.33 -0.08
N TYR A 41 -26.40 2.12 -1.32
CA TYR A 41 -27.11 1.23 -2.23
C TYR A 41 -27.07 -0.23 -1.79
N TRP A 42 -26.16 -0.63 -0.91
CA TRP A 42 -26.07 -2.01 -0.44
C TRP A 42 -26.99 -2.30 0.75
N ARG A 43 -27.85 -1.36 1.12
CA ARG A 43 -28.84 -1.57 2.17
C ARG A 43 -30.24 -1.32 1.63
N GLU A 44 -31.24 -1.63 2.45
CA GLU A 44 -32.63 -1.33 2.15
C GLU A 44 -33.42 -1.22 3.45
N ASP A 54 -30.82 -3.95 18.00
CA ASP A 54 -29.63 -3.90 18.84
C ASP A 54 -29.35 -5.25 19.49
N GLY A 55 -29.04 -5.23 20.78
CA GLY A 55 -28.67 -6.43 21.52
C GLY A 55 -27.19 -6.54 21.83
N LEU A 56 -26.37 -5.65 21.29
CA LEU A 56 -24.93 -5.69 21.52
C LEU A 56 -24.56 -4.83 22.71
N SER A 57 -23.62 -5.31 23.51
CA SER A 57 -22.94 -4.44 24.45
C SER A 57 -22.14 -3.39 23.68
N GLU A 58 -21.88 -2.26 24.33
CA GLU A 58 -21.11 -1.22 23.65
C GLU A 58 -19.69 -1.69 23.37
N GLU A 59 -19.22 -2.66 24.14
CA GLU A 59 -17.99 -3.38 23.85
C GLU A 59 -18.04 -4.03 22.48
N GLU A 60 -18.97 -4.98 22.31
CA GLU A 60 -19.05 -5.78 21.10
C GLU A 60 -19.24 -4.90 19.87
N ARG A 61 -20.04 -3.84 19.98
CA ARG A 61 -20.21 -2.91 18.88
C ARG A 61 -18.89 -2.23 18.53
N ARG A 62 -18.07 -1.96 19.54
CA ARG A 62 -16.79 -1.30 19.34
C ARG A 62 -15.77 -2.26 18.73
N THR A 63 -15.77 -3.52 19.18
CA THR A 63 -14.90 -4.51 18.59
C THR A 63 -15.25 -4.77 17.12
N ALA A 64 -16.53 -4.71 16.78
CA ALA A 64 -16.94 -4.89 15.39
C ALA A 64 -16.40 -3.77 14.50
N ALA A 65 -16.50 -2.53 14.97
CA ALA A 65 -16.00 -1.41 14.20
C ALA A 65 -14.48 -1.46 14.06
N ASP A 66 -13.78 -1.82 15.14
CA ASP A 66 -12.33 -1.94 15.07
C ASP A 66 -11.92 -3.02 14.09
N ALA A 67 -12.63 -4.15 14.08
CA ALA A 67 -12.32 -5.23 13.16
C ALA A 67 -12.54 -4.80 11.71
N ALA A 68 -13.63 -4.07 11.47
CA ALA A 68 -13.89 -3.58 10.12
C ALA A 68 -12.83 -2.58 9.69
N GLU A 69 -12.25 -1.84 10.65
CA GLU A 69 -11.23 -0.86 10.33
C GLU A 69 -9.91 -1.55 9.98
N ARG A 70 -9.48 -2.50 10.81
CA ARG A 70 -8.26 -3.24 10.49
C ARG A 70 -8.39 -4.00 9.19
N MET A 71 -9.54 -4.64 8.97
CA MET A 71 -9.71 -5.40 7.74
C MET A 71 -9.65 -4.48 6.52
N THR A 72 -10.27 -3.30 6.62
CA THR A 72 -10.16 -2.31 5.55
C THR A 72 -8.71 -1.97 5.28
N ALA A 73 -7.91 -1.84 6.34
CA ALA A 73 -6.50 -1.53 6.17
C ALA A 73 -5.76 -2.69 5.51
N VAL A 74 -6.02 -3.91 5.96
CA VAL A 74 -5.37 -5.07 5.34
C VAL A 74 -5.72 -5.16 3.86
N ILE A 75 -6.99 -4.94 3.53
CA ILE A 75 -7.41 -5.03 2.13
C ILE A 75 -6.69 -3.99 1.28
N ALA A 76 -6.68 -2.74 1.75
CA ALA A 76 -6.06 -1.67 0.98
C ALA A 76 -4.58 -1.93 0.74
N GLY A 77 -3.91 -2.55 1.71
CA GLY A 77 -2.51 -2.91 1.58
C GLY A 77 -2.27 -4.20 0.84
N THR A 78 -3.31 -4.81 0.27
CA THR A 78 -3.20 -6.05 -0.49
C THR A 78 -3.75 -5.79 -1.89
N PRO A 79 -2.89 -5.43 -2.84
CA PRO A 79 -3.40 -5.01 -4.16
C PRO A 79 -4.22 -6.06 -4.88
N GLY A 80 -3.94 -7.35 -4.67
CA GLY A 80 -4.69 -8.38 -5.35
C GLY A 80 -6.17 -8.36 -5.04
N ILE A 81 -6.56 -7.85 -3.88
CA ILE A 81 -7.95 -7.87 -3.45
C ILE A 81 -8.49 -6.47 -3.19
N ALA A 82 -7.75 -5.42 -3.58
CA ALA A 82 -8.24 -4.06 -3.43
C ALA A 82 -9.60 -3.92 -4.10
N VAL A 83 -10.49 -3.18 -3.43
CA VAL A 83 -11.89 -3.12 -3.85
C VAL A 83 -12.02 -2.50 -5.24
N GLU A 84 -11.46 -1.30 -5.42
CA GLU A 84 -11.59 -0.59 -6.69
C GLU A 84 -11.00 -1.38 -7.85
N ARG A 85 -9.80 -1.90 -7.63
CA ARG A 85 -9.09 -2.64 -8.66
C ARG A 85 -9.91 -3.84 -9.14
N ASN A 86 -10.66 -4.47 -8.23
CA ASN A 86 -11.41 -5.65 -8.62
C ASN A 86 -12.68 -5.28 -9.37
N VAL A 87 -13.35 -4.18 -9.00
CA VAL A 87 -14.48 -3.70 -9.79
C VAL A 87 -14.02 -3.41 -11.21
N ARG A 88 -12.83 -2.82 -11.35
CA ARG A 88 -12.30 -2.56 -12.68
C ARG A 88 -12.08 -3.86 -13.44
N ASP A 89 -11.59 -4.89 -12.75
CA ASP A 89 -11.34 -6.17 -13.42
C ASP A 89 -12.65 -6.86 -13.79
N PHE A 90 -13.66 -6.77 -12.94
CA PHE A 90 -14.95 -7.41 -13.24
C PHE A 90 -15.58 -6.78 -14.47
N ARG A 91 -15.46 -5.45 -14.61
CA ARG A 91 -16.02 -4.76 -15.76
C ARG A 91 -15.26 -5.08 -17.03
N ARG A 92 -13.93 -5.07 -16.95
CA ARG A 92 -13.11 -5.36 -18.13
C ARG A 92 -13.39 -6.77 -18.66
N GLY A 93 -13.55 -7.73 -17.76
CA GLY A 93 -13.89 -9.09 -18.16
C GLY A 93 -15.31 -9.29 -18.59
N GLY A 94 -16.14 -8.25 -18.54
CA GLY A 94 -17.54 -8.40 -18.93
C GLY A 94 -18.26 -9.50 -18.18
N TRP A 95 -18.08 -9.55 -16.86
CA TRP A 95 -18.63 -10.65 -16.06
C TRP A 95 -20.15 -10.72 -16.23
N ASP A 96 -20.63 -11.84 -16.75
CA ASP A 96 -22.02 -12.01 -17.18
C ASP A 96 -22.90 -12.29 -15.95
N VAL A 97 -23.27 -11.23 -15.25
CA VAL A 97 -24.19 -11.32 -14.12
C VAL A 97 -25.52 -10.69 -14.50
N THR A 98 -26.62 -11.37 -14.16
CA THR A 98 -27.97 -10.89 -14.41
C THR A 98 -28.79 -11.10 -13.14
N PRO A 99 -30.02 -10.57 -13.07
CA PRO A 99 -30.88 -10.92 -11.91
C PRO A 99 -31.10 -12.41 -11.74
N ASP A 100 -31.00 -13.20 -12.81
CA ASP A 100 -31.31 -14.62 -12.73
C ASP A 100 -30.14 -15.47 -12.26
N ASN A 101 -28.90 -15.12 -12.60
CA ASN A 101 -27.77 -15.96 -12.24
C ASN A 101 -26.85 -15.35 -11.20
N VAL A 102 -27.18 -14.17 -10.66
CA VAL A 102 -26.21 -13.47 -9.83
C VAL A 102 -25.92 -14.24 -8.55
N GLU A 103 -26.91 -14.95 -8.00
CA GLU A 103 -26.61 -15.72 -6.79
C GLU A 103 -25.69 -16.89 -7.10
N SER A 104 -25.96 -17.61 -8.20
CA SER A 104 -25.13 -18.77 -8.54
C SER A 104 -23.71 -18.34 -8.89
N GLU A 105 -23.54 -17.16 -9.46
CA GLU A 105 -22.20 -16.61 -9.66
C GLU A 105 -21.51 -16.39 -8.33
N PHE A 106 -22.20 -15.72 -7.40
CA PHE A 106 -21.67 -15.51 -6.06
C PHE A 106 -21.32 -16.82 -5.37
N ARG A 107 -22.22 -17.81 -5.44
CA ARG A 107 -21.99 -19.08 -4.76
C ARG A 107 -20.78 -19.82 -5.32
N GLU A 108 -20.51 -19.67 -6.61
CA GLU A 108 -19.35 -20.34 -7.20
C GLU A 108 -18.05 -19.71 -6.71
N VAL A 109 -18.02 -18.38 -6.61
CA VAL A 109 -16.86 -17.71 -6.02
C VAL A 109 -16.68 -18.18 -4.58
N GLU A 110 -17.77 -18.30 -3.84
CA GLU A 110 -17.69 -18.75 -2.46
C GLU A 110 -17.15 -20.17 -2.36
N ARG A 111 -17.68 -21.07 -3.18
CA ARG A 111 -17.26 -22.47 -3.14
C ARG A 111 -15.77 -22.59 -3.43
N ARG A 112 -15.29 -21.89 -4.45
CA ARG A 112 -13.89 -22.01 -4.83
C ARG A 112 -12.97 -21.34 -3.81
N THR A 113 -13.43 -20.24 -3.19
CA THR A 113 -12.55 -19.51 -2.27
C THR A 113 -12.18 -20.36 -1.07
N PHE A 114 -13.13 -21.17 -0.59
CA PHE A 114 -12.96 -21.94 0.64
C PHE A 114 -12.88 -23.45 0.38
N SER A 115 -12.61 -23.87 -0.86
CA SER A 115 -12.63 -25.29 -1.15
C SER A 115 -11.46 -26.02 -0.48
N ASP A 116 -10.33 -25.34 -0.31
CA ASP A 116 -9.15 -25.88 0.36
C ASP A 116 -9.24 -25.79 1.88
N GLY A 117 -10.21 -25.06 2.42
CA GLY A 117 -10.30 -24.82 3.84
C GLY A 117 -10.54 -23.36 4.12
N VAL A 118 -10.65 -23.05 5.41
CA VAL A 118 -10.98 -21.71 5.89
C VAL A 118 -9.85 -21.21 6.76
N HIS A 119 -9.39 -19.99 6.50
CA HIS A 119 -8.53 -19.26 7.43
C HIS A 119 -8.80 -17.78 7.26
N TRP A 120 -8.21 -16.95 8.14
CA TRP A 120 -8.58 -15.54 8.15
C TRP A 120 -8.26 -14.85 6.84
N GLY A 121 -7.17 -15.27 6.18
CA GLY A 121 -6.82 -14.65 4.90
C GLY A 121 -7.90 -14.82 3.85
N ARG A 122 -8.46 -16.02 3.75
CA ARG A 122 -9.52 -16.24 2.78
C ARG A 122 -10.82 -15.56 3.18
N VAL A 123 -11.08 -15.41 4.48
CA VAL A 123 -12.21 -14.61 4.94
C VAL A 123 -12.05 -13.16 4.50
N ILE A 124 -10.87 -12.57 4.76
CA ILE A 124 -10.62 -11.19 4.33
C ILE A 124 -10.80 -11.06 2.84
N ALA A 125 -10.21 -11.98 2.06
CA ALA A 125 -10.29 -11.88 0.60
C ALA A 125 -11.73 -12.02 0.13
N PHE A 126 -12.49 -12.93 0.74
CA PHE A 126 -13.89 -13.11 0.32
C PHE A 126 -14.72 -11.89 0.63
N LEU A 127 -14.50 -11.26 1.79
CA LEU A 127 -15.26 -10.08 2.15
C LEU A 127 -14.89 -8.90 1.24
N ALA A 128 -13.60 -8.76 0.93
CA ALA A 128 -13.19 -7.78 -0.07
C ALA A 128 -13.92 -8.03 -1.39
N PHE A 129 -13.88 -9.27 -1.87
CA PHE A 129 -14.62 -9.62 -3.07
C PHE A 129 -16.08 -9.20 -2.97
N SER A 130 -16.73 -9.47 -1.84
CA SER A 130 -18.16 -9.22 -1.73
C SER A 130 -18.48 -7.73 -1.88
N MET A 131 -17.56 -6.86 -1.46
CA MET A 131 -17.79 -5.44 -1.65
C MET A 131 -17.57 -5.03 -3.10
N SER A 132 -16.51 -5.53 -3.72
CA SER A 132 -16.29 -5.30 -5.15
C SER A 132 -17.47 -5.82 -5.96
N PHE A 133 -17.93 -7.03 -5.64
CA PHE A 133 -19.04 -7.64 -6.37
C PHE A 133 -20.34 -6.86 -6.17
N ALA A 134 -20.59 -6.37 -4.95
CA ALA A 134 -21.81 -5.60 -4.71
C ALA A 134 -21.80 -4.31 -5.52
N ALA A 135 -20.66 -3.61 -5.54
CA ALA A 135 -20.54 -2.42 -6.36
C ALA A 135 -20.68 -2.76 -7.84
N TYR A 136 -20.16 -3.91 -8.26
CA TYR A 136 -20.21 -4.29 -9.67
C TYR A 136 -21.63 -4.59 -10.12
N VAL A 137 -22.35 -5.41 -9.35
CA VAL A 137 -23.71 -5.75 -9.75
C VAL A 137 -24.62 -4.52 -9.68
N ASN A 138 -24.37 -3.62 -8.73
CA ASN A 138 -25.15 -2.39 -8.70
C ASN A 138 -24.86 -1.54 -9.93
N SER A 139 -23.62 -1.55 -10.40
CA SER A 139 -23.26 -0.87 -11.63
C SER A 139 -23.81 -1.57 -12.87
N ARG A 140 -24.25 -2.81 -12.75
CA ARG A 140 -24.89 -3.51 -13.85
C ARG A 140 -26.40 -3.31 -13.86
N GLY A 141 -26.92 -2.43 -13.01
CA GLY A 141 -28.35 -2.19 -13.00
C GLY A 141 -29.17 -3.35 -12.50
N ILE A 142 -28.61 -4.18 -11.63
CA ILE A 142 -29.36 -5.27 -11.01
C ILE A 142 -30.03 -4.71 -9.76
N ASP A 143 -31.34 -4.49 -9.85
CA ASP A 143 -32.09 -3.94 -8.73
C ASP A 143 -32.05 -4.88 -7.54
N GLY A 144 -31.65 -4.36 -6.39
CA GLY A 144 -31.46 -5.19 -5.21
C GLY A 144 -30.20 -6.01 -5.21
N GLY A 145 -29.40 -5.95 -6.27
CA GLY A 145 -28.19 -6.73 -6.39
C GLY A 145 -27.23 -6.59 -5.22
N ALA A 146 -26.80 -5.35 -4.92
CA ALA A 146 -25.81 -5.17 -3.86
C ALA A 146 -26.38 -5.52 -2.50
N TYR A 147 -27.67 -5.22 -2.30
CA TYR A 147 -28.36 -5.60 -1.06
C TYR A 147 -28.38 -7.11 -0.88
N SER A 148 -28.63 -7.86 -1.96
CA SER A 148 -28.62 -9.31 -1.88
C SER A 148 -27.20 -9.84 -1.60
N VAL A 149 -26.20 -9.25 -2.27
CA VAL A 149 -24.81 -9.65 -2.04
C VAL A 149 -24.44 -9.44 -0.58
N PHE A 150 -24.81 -8.28 -0.02
CA PHE A 150 -24.56 -8.01 1.39
C PHE A 150 -25.21 -9.06 2.29
N ASN A 151 -26.47 -9.40 1.99
CA ASN A 151 -27.21 -10.34 2.84
C ASN A 151 -26.68 -11.77 2.70
N TRP A 152 -26.35 -12.19 1.48
CA TRP A 152 -25.70 -13.49 1.30
C TRP A 152 -24.40 -13.55 2.09
N THR A 153 -23.55 -12.52 1.93
CA THR A 153 -22.24 -12.54 2.57
C THR A 153 -22.37 -12.53 4.09
N LEU A 154 -23.29 -11.72 4.63
CA LEU A 154 -23.51 -11.73 6.06
C LEU A 154 -23.86 -13.14 6.55
N ARG A 155 -24.65 -13.88 5.75
CA ARG A 155 -25.10 -15.20 6.18
C ARG A 155 -24.08 -16.30 5.88
N VAL A 156 -23.08 -16.02 5.03
CA VAL A 156 -21.91 -16.92 4.98
C VAL A 156 -21.16 -16.86 6.30
N LEU A 157 -20.99 -15.65 6.85
CA LEU A 157 -20.36 -15.51 8.16
C LEU A 157 -21.17 -16.18 9.25
N ASN A 158 -22.51 -16.05 9.18
CA ASN A 158 -23.38 -16.59 10.22
C ASN A 158 -23.41 -18.12 10.18
N ASP A 159 -23.43 -18.70 8.99
CA ASP A 159 -23.82 -20.09 8.81
C ASP A 159 -22.67 -21.02 8.44
N SER A 160 -21.72 -20.57 7.62
CA SER A 160 -20.64 -21.42 7.14
C SER A 160 -19.30 -21.15 7.80
N LEU A 161 -19.02 -19.90 8.16
CA LEU A 161 -17.73 -19.52 8.72
C LEU A 161 -17.78 -19.32 10.22
N ALA A 162 -18.95 -19.51 10.84
CA ALA A 162 -19.12 -19.19 12.26
C ALA A 162 -18.23 -20.08 13.13
N ASP A 163 -18.11 -21.36 12.78
CA ASP A 163 -17.30 -22.26 13.58
C ASP A 163 -15.83 -21.84 13.55
N PHE A 164 -15.34 -21.45 12.37
CA PHE A 164 -13.98 -20.92 12.27
C PHE A 164 -13.84 -19.64 13.09
N ILE A 165 -14.76 -18.70 12.91
CA ILE A 165 -14.65 -17.40 13.58
C ILE A 165 -14.59 -17.59 15.10
N GLN A 166 -15.48 -18.42 15.65
CA GLN A 166 -15.47 -18.63 17.10
C GLN A 166 -14.23 -19.38 17.55
N ARG A 167 -13.75 -20.34 16.75
CA ARG A 167 -12.54 -21.07 17.09
C ARG A 167 -11.34 -20.13 17.21
N GLU A 168 -11.29 -19.07 16.40
CA GLU A 168 -10.17 -18.14 16.40
C GLU A 168 -10.45 -16.91 17.26
N ASN A 169 -11.30 -17.06 18.29
CA ASN A 169 -11.56 -16.03 19.29
C ASN A 169 -12.36 -14.87 18.73
N GLY A 170 -13.22 -15.13 17.75
CA GLY A 170 -14.17 -14.13 17.31
C GLY A 170 -13.50 -12.92 16.68
N TRP A 171 -14.27 -11.82 16.64
CA TRP A 171 -13.73 -10.59 16.07
C TRP A 171 -12.67 -9.96 16.96
N ARG A 172 -12.67 -10.29 18.25
CA ARG A 172 -11.55 -9.90 19.10
C ARG A 172 -10.26 -10.56 18.61
N GLY A 173 -10.35 -11.85 18.30
CA GLY A 173 -9.19 -12.54 17.75
C GLY A 173 -8.76 -11.99 16.40
N PHE A 174 -9.74 -11.59 15.58
CA PHE A 174 -9.38 -11.06 14.28
C PHE A 174 -8.51 -9.81 14.42
N ILE A 175 -8.82 -8.97 15.40
CA ILE A 175 -8.06 -7.72 15.59
C ILE A 175 -6.61 -8.04 15.96
N VAL A 176 -6.40 -9.04 16.82
CA VAL A 176 -5.04 -9.50 17.13
C VAL A 176 -4.34 -9.99 15.87
N TYR A 177 -5.05 -10.81 15.09
CA TYR A 177 -4.51 -11.32 13.83
C TYR A 177 -4.19 -10.18 12.88
N ALA A 178 -5.10 -9.21 12.75
CA ALA A 178 -4.93 -8.14 11.77
C ALA A 178 -3.81 -7.19 12.18
N ASP A 179 -3.75 -6.82 13.46
CA ASP A 179 -2.63 -6.02 13.95
C ASP A 179 -1.30 -6.65 13.58
N THR A 180 -1.19 -7.97 13.73
CA THR A 180 0.03 -8.67 13.34
C THR A 180 0.32 -8.49 11.86
N LEU A 181 -0.72 -8.57 11.03
CA LEU A 181 -0.53 -8.35 9.59
C LEU A 181 -0.06 -6.93 9.31
N LEU A 182 -0.68 -5.94 9.95
CA LEU A 182 -0.36 -4.55 9.65
C LEU A 182 1.05 -4.21 10.12
N ARG A 183 1.49 -4.78 11.25
CA ARG A 183 2.89 -4.69 11.64
C ARG A 183 3.80 -5.23 10.54
N ALA A 184 3.38 -6.32 9.89
CA ALA A 184 4.18 -6.92 8.84
C ALA A 184 4.01 -6.22 7.50
N GLN A 185 2.86 -5.60 7.26
CA GLN A 185 2.68 -4.81 6.05
C GLN A 185 3.44 -3.50 6.15
N ALA B 1 -21.56 -22.17 -13.54
CA ALA B 1 -21.27 -20.75 -13.42
C ALA B 1 -20.20 -20.30 -14.41
N SER B 2 -20.07 -18.99 -14.58
CA SER B 2 -19.13 -18.45 -15.55
C SER B 2 -17.70 -18.86 -15.21
N SER B 3 -16.86 -18.96 -16.24
CA SER B 3 -15.42 -19.11 -16.04
C SER B 3 -14.87 -18.02 -15.14
N MET B 4 -15.39 -16.81 -15.30
CA MET B 4 -14.94 -15.68 -14.49
C MET B 4 -15.14 -15.96 -13.00
N ALA B 5 -16.27 -16.55 -12.63
CA ALA B 5 -16.55 -16.80 -11.21
C ALA B 5 -15.59 -17.82 -10.63
N SER B 6 -15.30 -18.89 -11.37
CA SER B 6 -14.36 -19.89 -10.89
C SER B 6 -12.95 -19.33 -10.80
N GLU B 7 -12.57 -18.48 -11.75
CA GLU B 7 -11.23 -17.89 -11.72
C GLU B 7 -11.10 -16.87 -10.61
N VAL B 8 -12.15 -16.08 -10.36
CA VAL B 8 -12.14 -15.13 -9.27
C VAL B 8 -12.01 -15.86 -7.94
N GLY B 9 -12.83 -16.89 -7.74
CA GLY B 9 -12.70 -17.68 -6.52
C GLY B 9 -11.32 -18.26 -6.34
N ARG B 10 -10.75 -18.81 -7.43
CA ARG B 10 -9.43 -19.40 -7.31
C ARG B 10 -8.41 -18.36 -6.88
N ARG B 11 -8.46 -17.16 -7.47
CA ARG B 11 -7.52 -16.11 -7.10
C ARG B 11 -7.75 -15.61 -5.67
N LEU B 12 -8.99 -15.63 -5.20
CA LEU B 12 -9.24 -15.25 -3.81
C LEU B 12 -8.63 -16.25 -2.85
N ALA B 13 -8.66 -17.54 -3.21
CA ALA B 13 -8.01 -18.55 -2.40
C ALA B 13 -6.51 -18.29 -2.30
N GLU B 14 -5.88 -17.93 -3.41
CA GLU B 14 -4.43 -17.76 -3.43
C GLU B 14 -4.00 -16.47 -2.76
N PHE B 15 -4.69 -15.36 -3.05
CA PHE B 15 -4.40 -14.11 -2.35
C PHE B 15 -4.67 -14.24 -0.86
N GLY B 16 -5.73 -14.96 -0.49
CA GLY B 16 -5.98 -15.22 0.92
C GLY B 16 -4.84 -15.98 1.57
N ASP B 17 -4.29 -16.98 0.87
CA ASP B 17 -3.12 -17.68 1.37
C ASP B 17 -1.95 -16.74 1.55
N GLN B 18 -1.73 -15.82 0.61
CA GLN B 18 -0.64 -14.86 0.74
C GLN B 18 -0.86 -13.93 1.92
N VAL B 19 -2.10 -13.49 2.12
CA VAL B 19 -2.40 -12.62 3.26
C VAL B 19 -2.12 -13.36 4.56
N ASP B 20 -2.58 -14.62 4.65
CA ASP B 20 -2.42 -15.38 5.89
C ASP B 20 -0.96 -15.71 6.17
N GLY B 21 -0.16 -15.91 5.12
CA GLY B 21 1.25 -16.20 5.34
C GLY B 21 1.97 -15.10 6.09
N GLN B 22 1.54 -13.85 5.91
CA GLN B 22 2.15 -12.72 6.60
C GLN B 22 1.90 -12.74 8.11
N PHE B 23 0.91 -13.50 8.58
CA PHE B 23 0.71 -13.60 10.03
C PHE B 23 1.84 -14.39 10.68
N TYR B 24 2.38 -15.38 9.98
CA TYR B 24 3.43 -16.23 10.49
C TYR B 24 4.82 -15.68 10.19
N GLN B 25 4.89 -14.46 9.66
CA GLN B 25 6.12 -13.79 9.24
C GLN B 25 6.65 -14.41 7.96
N GLY C 1 25.29 22.84 -14.59
CA GLY C 1 25.38 23.05 -16.03
C GLY C 1 24.23 23.81 -16.64
N PRO C 2 23.02 23.26 -16.53
CA PRO C 2 21.87 23.85 -17.24
C PRO C 2 21.52 25.24 -16.73
N LEU C 3 20.79 25.97 -17.58
CA LEU C 3 20.30 27.31 -17.27
C LEU C 3 19.60 27.32 -15.92
N GLY C 4 19.96 28.29 -15.08
CA GLY C 4 19.38 28.38 -13.75
C GLY C 4 19.98 27.43 -12.72
N SER C 5 21.16 26.88 -12.99
CA SER C 5 21.74 25.89 -12.07
C SER C 5 22.15 26.50 -10.74
N SER C 6 22.63 27.75 -10.74
CA SER C 6 23.11 28.35 -9.50
C SER C 6 21.98 28.50 -8.49
N ARG C 7 20.79 28.89 -8.95
CA ARG C 7 19.64 28.95 -8.07
C ARG C 7 19.15 27.56 -7.68
N LEU C 8 19.27 26.60 -8.60
CA LEU C 8 18.78 25.26 -8.31
C LEU C 8 19.61 24.59 -7.22
N TYR C 9 20.92 24.87 -7.20
CA TYR C 9 21.78 24.33 -6.15
C TYR C 9 21.26 24.69 -4.77
N LEU C 10 20.94 25.97 -4.57
CA LEU C 10 20.43 26.42 -3.29
C LEU C 10 19.09 25.79 -2.97
N GLN C 11 18.22 25.69 -3.99
CA GLN C 11 16.91 25.10 -3.79
C GLN C 11 17.01 23.59 -3.59
N ASN C 12 17.88 22.92 -4.34
CA ASN C 12 18.15 21.52 -4.07
C ASN C 12 18.60 21.32 -2.63
N THR C 13 19.46 22.20 -2.13
CA THR C 13 19.91 22.11 -0.75
C THR C 13 18.74 22.22 0.23
N ALA C 14 17.86 23.22 0.00
CA ALA C 14 16.73 23.40 0.90
C ALA C 14 15.76 22.23 0.83
N VAL C 15 15.53 21.69 -0.37
CA VAL C 15 14.66 20.51 -0.51
C VAL C 15 15.20 19.36 0.32
N MET C 16 16.50 19.12 0.23
CA MET C 16 17.11 18.01 0.96
C MET C 16 16.99 18.22 2.47
N GLU C 17 17.30 19.43 2.94
CA GLU C 17 17.22 19.72 4.37
C GLU C 17 15.80 19.52 4.89
N GLU C 18 14.81 20.04 4.16
CA GLU C 18 13.41 19.82 4.55
C GLU C 18 13.06 18.35 4.49
N LEU C 19 13.48 17.66 3.43
CA LEU C 19 13.14 16.25 3.25
C LEU C 19 13.68 15.41 4.41
N TYR C 20 14.96 15.58 4.73
CA TYR C 20 15.58 14.77 5.78
C TYR C 20 14.99 15.12 7.15
N ARG C 21 14.68 16.39 7.38
CA ARG C 21 14.08 16.78 8.65
C ARG C 21 12.70 16.16 8.81
N ARG C 22 11.93 16.07 7.72
CA ARG C 22 10.57 15.57 7.82
C ARG C 22 10.52 14.06 8.04
N ASN C 23 11.53 13.32 7.57
CA ASN C 23 11.49 11.87 7.60
C ASN C 23 12.43 11.25 8.61
N LEU C 24 13.49 11.94 9.02
CA LEU C 24 14.51 11.33 9.86
C LEU C 24 14.63 11.94 11.25
N SER C 25 13.97 13.05 11.54
CA SER C 25 14.03 13.62 12.87
C SER C 25 12.79 13.28 13.69
N GLU C 40 20.01 15.66 14.63
CA GLU C 40 20.21 15.82 13.19
C GLU C 40 21.55 15.24 12.74
N TYR C 41 21.63 13.91 12.76
CA TYR C 41 22.89 13.23 12.51
C TYR C 41 23.34 13.32 11.05
N TRP C 42 22.44 13.66 10.13
CA TRP C 42 22.77 13.76 8.71
C TRP C 42 23.36 15.11 8.34
N ARG C 43 23.69 15.96 9.31
CA ARG C 43 24.21 17.28 9.01
C ARG C 43 25.56 17.49 9.70
N LEU C 56 18.57 33.07 -2.03
CA LEU C 56 17.32 32.31 -2.16
C LEU C 56 16.13 33.17 -1.74
N SER C 57 15.22 33.42 -2.67
CA SER C 57 14.10 34.30 -2.42
C SER C 57 13.10 33.66 -1.46
N GLU C 58 12.13 34.47 -1.05
CA GLU C 58 11.03 33.97 -0.21
C GLU C 58 10.28 32.86 -0.91
N GLU C 59 9.95 33.08 -2.18
CA GLU C 59 9.20 32.09 -2.95
C GLU C 59 9.94 30.77 -3.04
N GLU C 60 11.23 30.82 -3.42
CA GLU C 60 11.99 29.59 -3.62
C GLU C 60 12.07 28.77 -2.35
N ARG C 61 12.34 29.42 -1.21
CA ARG C 61 12.40 28.70 0.06
C ARG C 61 11.06 28.04 0.36
N ARG C 62 9.96 28.74 0.04
CA ARG C 62 8.63 28.19 0.29
C ARG C 62 8.31 27.07 -0.69
N THR C 63 8.76 27.20 -1.95
CA THR C 63 8.56 26.13 -2.93
C THR C 63 9.36 24.88 -2.56
N ALA C 64 10.57 25.07 -2.03
CA ALA C 64 11.39 23.92 -1.63
C ALA C 64 10.73 23.14 -0.50
N ALA C 65 10.14 23.85 0.46
CA ALA C 65 9.45 23.20 1.57
C ALA C 65 8.20 22.47 1.11
N ASP C 66 7.46 23.07 0.17
CA ASP C 66 6.25 22.43 -0.34
C ASP C 66 6.58 21.15 -1.09
N ALA C 67 7.66 21.16 -1.88
CA ALA C 67 8.06 19.95 -2.60
C ALA C 67 8.47 18.85 -1.64
N ALA C 68 9.25 19.21 -0.61
CA ALA C 68 9.65 18.21 0.38
C ALA C 68 8.44 17.70 1.16
N GLU C 69 7.47 18.57 1.40
CA GLU C 69 6.24 18.15 2.04
C GLU C 69 5.48 17.17 1.15
N ARG C 70 5.31 17.54 -0.13
CA ARG C 70 4.62 16.67 -1.08
C ARG C 70 5.33 15.33 -1.21
N MET C 71 6.65 15.37 -1.44
CA MET C 71 7.39 14.13 -1.67
C MET C 71 7.28 13.21 -0.47
N THR C 72 7.38 13.77 0.74
CA THR C 72 7.22 12.97 1.96
C THR C 72 5.88 12.23 1.95
N ALA C 73 4.84 12.87 1.42
CA ALA C 73 3.53 12.23 1.36
C ALA C 73 3.52 11.10 0.33
N VAL C 74 4.10 11.35 -0.85
CA VAL C 74 4.16 10.31 -1.87
C VAL C 74 4.95 9.10 -1.35
N ILE C 75 6.07 9.36 -0.69
CA ILE C 75 6.90 8.27 -0.17
C ILE C 75 6.13 7.46 0.87
N ALA C 76 5.51 8.15 1.83
CA ALA C 76 4.83 7.45 2.90
C ALA C 76 3.67 6.62 2.39
N GLY C 77 3.08 7.03 1.27
CA GLY C 77 2.02 6.30 0.61
C GLY C 77 2.48 5.22 -0.36
N THR C 78 3.79 5.04 -0.52
CA THR C 78 4.33 4.02 -1.41
C THR C 78 5.09 3.00 -0.58
N PRO C 79 4.47 1.87 -0.22
CA PRO C 79 5.12 0.92 0.70
C PRO C 79 6.48 0.45 0.25
N GLY C 80 6.69 0.28 -1.06
CA GLY C 80 7.97 -0.22 -1.54
C GLY C 80 9.14 0.68 -1.20
N ILE C 81 8.91 1.98 -1.01
CA ILE C 81 10.01 2.92 -0.78
C ILE C 81 9.89 3.64 0.55
N ALA C 82 8.91 3.27 1.38
CA ALA C 82 8.73 3.94 2.67
C ALA C 82 10.01 3.86 3.49
N VAL C 83 10.32 4.94 4.21
CA VAL C 83 11.66 5.12 4.78
C VAL C 83 11.95 4.09 5.86
N GLU C 84 11.07 3.97 6.86
CA GLU C 84 11.33 3.08 7.98
C GLU C 84 11.32 1.62 7.53
N ARG C 85 10.38 1.26 6.68
CA ARG C 85 10.31 -0.11 6.17
C ARG C 85 11.57 -0.52 5.44
N ASN C 86 12.21 0.41 4.73
CA ASN C 86 13.43 0.05 4.02
C ASN C 86 14.63 -0.06 4.97
N VAL C 87 14.69 0.77 6.01
CA VAL C 87 15.73 0.60 7.02
C VAL C 87 15.64 -0.80 7.61
N ARG C 88 14.42 -1.25 7.94
CA ARG C 88 14.25 -2.60 8.46
C ARG C 88 14.70 -3.64 7.44
N ASP C 89 14.39 -3.41 6.16
CA ASP C 89 14.77 -4.37 5.13
C ASP C 89 16.29 -4.40 4.93
N PHE C 90 16.95 -3.25 5.02
CA PHE C 90 18.42 -3.24 4.95
C PHE C 90 19.03 -4.03 6.10
N ARG C 91 18.43 -3.91 7.29
CA ARG C 91 18.92 -4.69 8.44
C ARG C 91 18.69 -6.18 8.22
N ARG C 92 17.46 -6.57 7.91
CA ARG C 92 17.14 -7.98 7.71
C ARG C 92 17.97 -8.59 6.60
N GLY C 93 18.22 -7.84 5.52
CA GLY C 93 18.99 -8.39 4.42
C GLY C 93 20.48 -8.56 4.71
N GLY C 94 20.95 -8.03 5.83
CA GLY C 94 22.36 -8.14 6.16
C GLY C 94 23.28 -7.31 5.30
N TRP C 95 22.82 -6.13 4.86
CA TRP C 95 23.60 -5.31 3.96
C TRP C 95 24.95 -4.93 4.54
N ASP C 96 26.02 -5.48 3.96
CA ASP C 96 27.41 -5.31 4.39
C ASP C 96 27.92 -3.95 3.95
N VAL C 97 27.67 -2.93 4.77
CA VAL C 97 28.13 -1.57 4.52
C VAL C 97 29.06 -1.16 5.66
N THR C 98 30.27 -0.74 5.31
CA THR C 98 31.31 -0.35 6.25
C THR C 98 31.87 0.99 5.84
N PRO C 99 32.72 1.62 6.68
CA PRO C 99 33.38 2.86 6.25
C PRO C 99 34.17 2.70 4.97
N ASP C 100 34.59 1.48 4.63
CA ASP C 100 35.46 1.27 3.48
C ASP C 100 34.70 1.17 2.17
N ASN C 101 33.43 0.75 2.20
CA ASN C 101 32.69 0.56 0.95
C ASN C 101 31.38 1.33 0.88
N VAL C 102 31.09 2.20 1.84
CA VAL C 102 29.76 2.82 1.90
C VAL C 102 29.47 3.63 0.63
N GLU C 103 30.48 4.34 0.11
CA GLU C 103 30.21 5.16 -1.08
C GLU C 103 30.01 4.28 -2.31
N SER C 104 30.83 3.25 -2.49
CA SER C 104 30.68 2.41 -3.67
C SER C 104 29.36 1.65 -3.64
N GLU C 105 28.89 1.29 -2.43
CA GLU C 105 27.55 0.70 -2.31
C GLU C 105 26.48 1.69 -2.72
N PHE C 106 26.58 2.93 -2.20
CA PHE C 106 25.69 4.01 -2.60
C PHE C 106 25.73 4.22 -4.12
N ARG C 107 26.93 4.26 -4.70
CA ARG C 107 27.06 4.59 -6.11
C ARG C 107 26.46 3.51 -7.01
N GLU C 108 26.48 2.26 -6.54
CA GLU C 108 25.87 1.19 -7.33
C GLU C 108 24.34 1.28 -7.30
N VAL C 109 23.78 1.64 -6.14
CA VAL C 109 22.34 1.89 -6.08
C VAL C 109 21.96 3.02 -7.02
N GLU C 110 22.75 4.10 -7.01
CA GLU C 110 22.49 5.23 -7.90
C GLU C 110 22.56 4.79 -9.36
N ARG C 111 23.60 4.03 -9.69
CA ARG C 111 23.78 3.58 -11.07
C ARG C 111 22.60 2.75 -11.54
N ARG C 112 22.17 1.78 -10.73
CA ARG C 112 21.09 0.90 -11.13
C ARG C 112 19.75 1.63 -11.15
N THR C 113 19.52 2.55 -10.22
CA THR C 113 18.22 3.22 -10.14
C THR C 113 17.91 3.98 -11.42
N PHE C 114 18.92 4.59 -12.03
CA PHE C 114 18.72 5.45 -13.19
C PHE C 114 19.30 4.85 -14.46
N SER C 115 19.59 3.54 -14.46
CA SER C 115 20.25 2.94 -15.62
C SER C 115 19.41 3.05 -16.88
N ASP C 116 18.09 3.05 -16.76
CA ASP C 116 17.18 3.18 -17.89
C ASP C 116 16.70 4.61 -18.12
N GLY C 117 17.17 5.58 -17.35
CA GLY C 117 16.79 6.97 -17.53
C GLY C 117 16.21 7.57 -16.27
N VAL C 118 15.84 8.84 -16.39
CA VAL C 118 15.40 9.65 -15.26
C VAL C 118 13.94 10.04 -15.47
N HIS C 119 13.12 9.83 -14.45
CA HIS C 119 11.83 10.49 -14.34
C HIS C 119 11.58 10.76 -12.86
N TRP C 120 10.50 11.50 -12.59
CA TRP C 120 10.27 11.97 -11.22
C TRP C 120 10.09 10.81 -10.25
N GLY C 121 9.51 9.70 -10.73
CA GLY C 121 9.32 8.56 -9.84
C GLY C 121 10.62 7.98 -9.32
N ARG C 122 11.60 7.81 -10.20
CA ARG C 122 12.89 7.30 -9.76
C ARG C 122 13.65 8.34 -8.94
N VAL C 123 13.43 9.63 -9.19
CA VAL C 123 14.00 10.66 -8.32
C VAL C 123 13.43 10.52 -6.91
N ILE C 124 12.10 10.42 -6.80
CA ILE C 124 11.47 10.24 -5.49
C ILE C 124 11.98 8.97 -4.82
N ALA C 125 12.05 7.88 -5.57
CA ALA C 125 12.50 6.61 -4.98
C ALA C 125 13.94 6.69 -4.51
N PHE C 126 14.80 7.35 -5.29
CA PHE C 126 16.20 7.45 -4.89
C PHE C 126 16.37 8.34 -3.66
N LEU C 127 15.63 9.43 -3.58
CA LEU C 127 15.74 10.29 -2.41
C LEU C 127 15.18 9.58 -1.17
N ALA C 128 14.10 8.82 -1.35
CA ALA C 128 13.62 7.96 -0.29
C ALA C 128 14.72 7.01 0.17
N PHE C 129 15.34 6.31 -0.79
CA PHE C 129 16.43 5.39 -0.45
C PHE C 129 17.51 6.10 0.35
N SER C 130 17.86 7.32 -0.05
CA SER C 130 19.00 8.00 0.56
C SER C 130 18.74 8.27 2.04
N MET C 131 17.49 8.53 2.41
CA MET C 131 17.18 8.73 3.82
C MET C 131 17.22 7.41 4.59
N SER C 132 16.66 6.34 4.03
CA SER C 132 16.77 5.03 4.66
C SER C 132 18.23 4.60 4.76
N PHE C 133 19.03 4.88 3.73
CA PHE C 133 20.44 4.49 3.72
C PHE C 133 21.23 5.32 4.72
N ALA C 134 20.92 6.62 4.83
CA ALA C 134 21.59 7.46 5.82
C ALA C 134 21.27 7.01 7.23
N ALA C 135 20.00 6.68 7.50
CA ALA C 135 19.63 6.13 8.80
C ALA C 135 20.29 4.78 9.03
N TYR C 136 20.43 3.98 7.98
CA TYR C 136 21.02 2.65 8.12
C TYR C 136 22.50 2.74 8.46
N VAL C 137 23.25 3.53 7.69
CA VAL C 137 24.69 3.63 7.92
C VAL C 137 24.98 4.26 9.29
N ASN C 138 24.12 5.19 9.71
CA ASN C 138 24.30 5.79 11.03
C ASN C 138 24.01 4.77 12.13
N SER C 139 23.01 3.91 11.93
CA SER C 139 22.76 2.85 12.89
C SER C 139 23.89 1.84 12.94
N ARG C 140 24.68 1.73 11.87
CA ARG C 140 25.86 0.88 11.82
C ARG C 140 27.07 1.49 12.52
N GLY C 141 26.95 2.70 13.07
CA GLY C 141 28.08 3.32 13.72
C GLY C 141 29.14 3.85 12.78
N ILE C 142 28.78 4.15 11.53
CA ILE C 142 29.74 4.68 10.57
C ILE C 142 29.84 6.18 10.81
N ASP C 143 30.97 6.60 11.38
CA ASP C 143 31.19 8.01 11.70
C ASP C 143 31.11 8.87 10.45
N GLY C 144 30.25 9.89 10.50
CA GLY C 144 30.05 10.75 9.35
C GLY C 144 29.32 10.12 8.19
N GLY C 145 28.76 8.92 8.38
CA GLY C 145 28.17 8.21 7.26
C GLY C 145 26.94 8.90 6.70
N ALA C 146 25.97 9.22 7.56
CA ALA C 146 24.75 9.86 7.10
C ALA C 146 25.04 11.22 6.47
N TYR C 147 25.96 11.97 7.07
CA TYR C 147 26.36 13.27 6.53
C TYR C 147 26.96 13.13 5.14
N SER C 148 27.74 12.07 4.91
CA SER C 148 28.28 11.82 3.57
C SER C 148 27.16 11.47 2.59
N VAL C 149 26.23 10.61 3.01
CA VAL C 149 25.11 10.24 2.15
C VAL C 149 24.28 11.46 1.78
N PHE C 150 23.99 12.30 2.77
CA PHE C 150 23.28 13.54 2.51
C PHE C 150 23.99 14.36 1.43
N ASN C 151 25.31 14.49 1.54
CA ASN C 151 26.03 15.36 0.63
C ASN C 151 26.23 14.72 -0.74
N TRP C 152 26.39 13.40 -0.82
CA TRP C 152 26.43 12.75 -2.12
C TRP C 152 25.09 12.89 -2.82
N THR C 153 24.00 12.66 -2.08
CA THR C 153 22.67 12.73 -2.67
C THR C 153 22.35 14.14 -3.14
N LEU C 154 22.66 15.15 -2.33
CA LEU C 154 22.49 16.53 -2.75
C LEU C 154 23.17 16.79 -4.07
N ARG C 155 24.38 16.27 -4.25
CA ARG C 155 25.15 16.57 -5.44
C ARG C 155 24.78 15.66 -6.63
N VAL C 156 24.09 14.55 -6.39
CA VAL C 156 23.42 13.86 -7.50
C VAL C 156 22.36 14.77 -8.10
N LEU C 157 21.59 15.44 -7.25
CA LEU C 157 20.58 16.39 -7.73
C LEU C 157 21.23 17.56 -8.46
N ASN C 158 22.39 18.01 -7.98
CA ASN C 158 23.04 19.17 -8.56
C ASN C 158 23.71 18.84 -9.89
N ASP C 159 24.32 17.66 -10.00
CA ASP C 159 25.28 17.35 -11.04
C ASP C 159 24.79 16.36 -12.07
N SER C 160 23.89 15.46 -11.70
CA SER C 160 23.41 14.44 -12.62
C SER C 160 21.92 14.57 -12.95
N LEU C 161 21.11 15.08 -12.03
CA LEU C 161 19.67 15.15 -12.24
C LEU C 161 19.18 16.56 -12.54
N ALA C 162 20.09 17.54 -12.57
CA ALA C 162 19.70 18.94 -12.74
C ALA C 162 19.02 19.17 -14.08
N ASP C 163 19.56 18.58 -15.15
CA ASP C 163 18.99 18.79 -16.48
C ASP C 163 17.56 18.29 -16.55
N PHE C 164 17.30 17.12 -15.95
CA PHE C 164 15.93 16.63 -15.86
C PHE C 164 15.08 17.57 -15.03
N ILE C 165 15.58 17.96 -13.86
CA ILE C 165 14.78 18.78 -12.95
C ILE C 165 14.38 20.08 -13.61
N GLN C 166 15.31 20.73 -14.32
CA GLN C 166 14.99 22.01 -14.95
C GLN C 166 14.03 21.82 -16.12
N ARG C 167 14.24 20.77 -16.91
CA ARG C 167 13.35 20.47 -18.04
C ARG C 167 11.91 20.34 -17.61
N GLU C 168 11.68 19.75 -16.43
CA GLU C 168 10.33 19.52 -15.91
C GLU C 168 9.86 20.65 -15.00
N ASN C 169 10.36 21.88 -15.20
CA ASN C 169 9.92 23.07 -14.50
C ASN C 169 10.31 23.07 -13.02
N GLY C 170 11.41 22.43 -12.67
CA GLY C 170 11.97 22.58 -11.34
C GLY C 170 11.08 22.03 -10.25
N TRP C 171 11.29 22.55 -9.03
CA TRP C 171 10.53 22.07 -7.89
C TRP C 171 9.10 22.58 -7.87
N ARG C 172 8.82 23.72 -8.50
CA ARG C 172 7.44 24.09 -8.74
C ARG C 172 6.75 23.07 -9.63
N GLY C 173 7.45 22.58 -10.66
CA GLY C 173 6.90 21.53 -11.48
C GLY C 173 6.69 20.25 -10.72
N PHE C 174 7.61 19.91 -9.83
CA PHE C 174 7.44 18.71 -9.01
C PHE C 174 6.15 18.78 -8.20
N ILE C 175 5.83 19.96 -7.66
CA ILE C 175 4.65 20.11 -6.83
C ILE C 175 3.39 19.81 -7.65
N VAL C 176 3.35 20.29 -8.90
CA VAL C 176 2.24 19.96 -9.79
C VAL C 176 2.20 18.45 -10.02
N TYR C 177 3.36 17.84 -10.24
CA TYR C 177 3.46 16.40 -10.44
C TYR C 177 3.00 15.64 -9.20
N ALA C 178 3.52 16.04 -8.04
CA ALA C 178 3.18 15.34 -6.80
C ALA C 178 1.72 15.51 -6.44
N ASP C 179 1.18 16.73 -6.65
CA ASP C 179 -0.24 16.94 -6.38
C ASP C 179 -1.11 16.01 -7.22
N THR C 180 -0.70 15.75 -8.46
CA THR C 180 -1.45 14.82 -9.31
C THR C 180 -1.39 13.40 -8.76
N LEU C 181 -0.24 13.00 -8.21
CA LEU C 181 -0.11 11.66 -7.66
C LEU C 181 -0.98 11.49 -6.42
N LEU C 182 -0.94 12.48 -5.52
CA LEU C 182 -1.70 12.39 -4.28
C LEU C 182 -3.20 12.37 -4.56
N ARG C 183 -3.64 12.97 -5.67
CA ARG C 183 -5.01 12.76 -6.11
C ARG C 183 -5.23 11.33 -6.56
N ALA C 184 -4.22 10.72 -7.18
CA ALA C 184 -4.33 9.36 -7.69
C ALA C 184 -4.09 8.34 -6.57
N ALA D 1 30.30 -4.02 -6.21
CA ALA D 1 29.45 -3.84 -5.03
C ALA D 1 28.65 -5.11 -4.71
N SER D 2 27.99 -5.10 -3.55
CA SER D 2 27.25 -6.25 -3.08
C SER D 2 26.05 -6.54 -3.99
N SER D 3 25.58 -7.79 -3.95
CA SER D 3 24.32 -8.13 -4.60
C SER D 3 23.20 -7.25 -4.07
N MET D 4 23.25 -6.93 -2.77
CA MET D 4 22.19 -6.14 -2.15
C MET D 4 22.07 -4.77 -2.80
N ALA D 5 23.21 -4.13 -3.09
CA ALA D 5 23.18 -2.80 -3.68
C ALA D 5 22.51 -2.82 -5.06
N SER D 6 22.84 -3.82 -5.88
CA SER D 6 22.20 -3.93 -7.19
C SER D 6 20.71 -4.26 -7.07
N GLU D 7 20.35 -5.11 -6.09
CA GLU D 7 18.94 -5.47 -5.93
C GLU D 7 18.13 -4.29 -5.40
N VAL D 8 18.71 -3.49 -4.51
CA VAL D 8 18.02 -2.29 -4.04
C VAL D 8 17.84 -1.31 -5.19
N GLY D 9 18.90 -1.11 -5.97
CA GLY D 9 18.79 -0.23 -7.12
C GLY D 9 17.71 -0.67 -8.09
N ARG D 10 17.67 -1.98 -8.39
CA ARG D 10 16.65 -2.48 -9.31
C ARG D 10 15.25 -2.24 -8.76
N ARG D 11 15.05 -2.43 -7.46
CA ARG D 11 13.74 -2.27 -6.88
C ARG D 11 13.31 -0.80 -6.85
N LEU D 12 14.26 0.12 -6.59
CA LEU D 12 13.93 1.53 -6.64
C LEU D 12 13.54 1.96 -8.05
N ALA D 13 14.22 1.43 -9.06
CA ALA D 13 13.85 1.79 -10.42
C ALA D 13 12.46 1.28 -10.77
N GLU D 14 12.07 0.13 -10.22
CA GLU D 14 10.76 -0.43 -10.54
C GLU D 14 9.65 0.19 -9.71
N PHE D 15 9.89 0.40 -8.40
CA PHE D 15 8.93 1.17 -7.62
C PHE D 15 8.83 2.60 -8.15
N GLY D 16 9.94 3.15 -8.63
CA GLY D 16 9.89 4.45 -9.27
C GLY D 16 8.98 4.46 -10.49
N ASP D 17 9.08 3.43 -11.32
CA ASP D 17 8.20 3.33 -12.49
C ASP D 17 6.74 3.23 -12.06
N GLN D 18 6.47 2.49 -10.98
CA GLN D 18 5.11 2.37 -10.48
C GLN D 18 4.60 3.70 -9.96
N VAL D 19 5.45 4.45 -9.26
CA VAL D 19 5.05 5.78 -8.78
C VAL D 19 4.74 6.68 -9.96
N ASP D 20 5.61 6.69 -10.97
CA ASP D 20 5.44 7.59 -12.11
C ASP D 20 4.17 7.26 -12.89
N GLY D 21 3.85 5.97 -13.02
CA GLY D 21 2.67 5.61 -13.79
C GLY D 21 1.38 6.20 -13.25
N GLN D 22 1.35 6.53 -11.97
CA GLN D 22 0.15 7.13 -11.37
C GLN D 22 -0.07 8.56 -11.82
N PHE D 23 0.96 9.25 -12.28
CA PHE D 23 0.77 10.59 -12.84
C PHE D 23 -0.05 10.53 -14.11
N TYR D 24 0.10 9.46 -14.89
CA TYR D 24 -0.63 9.26 -16.13
C TYR D 24 -1.95 8.53 -15.91
N GLN D 25 -2.38 8.41 -14.65
CA GLN D 25 -3.58 7.65 -14.26
C GLN D 25 -3.42 6.18 -14.61
C1 EDO E . -5.32 -24.38 5.28
O1 EDO E . -5.88 -24.12 3.99
C2 EDO E . -6.40 -24.21 6.35
O2 EDO E . -6.27 -22.92 6.96
C1 EDO F . -31.28 -18.70 -14.16
O1 EDO F . -32.17 -19.71 -14.65
C2 EDO F . -29.93 -19.30 -13.81
O2 EDO F . -29.04 -19.18 -14.91
C1 EDO G . -26.79 -5.12 14.24
O1 EDO G . -25.93 -5.75 15.20
C2 EDO G . -25.98 -4.19 13.35
O2 EDO G . -26.07 -2.84 13.81
C1 EDO H . -17.94 -25.05 -11.16
O1 EDO H . -18.41 -25.34 -9.84
C2 EDO H . -19.15 -24.80 -12.05
O2 EDO H . -18.96 -23.67 -12.88
C1 EDO I . -14.79 -17.13 21.27
O1 EDO I . -14.60 -18.28 20.43
C2 EDO I . -15.06 -15.90 20.42
O2 EDO I . -15.40 -14.81 21.28
C1 EDO J . -7.11 -12.03 22.02
O1 EDO J . -8.33 -12.79 22.04
C2 EDO J . -5.96 -12.93 22.49
O2 EDO J . -5.94 -14.14 21.73
C1 EDO K . -23.11 -22.12 0.90
O1 EDO K . -24.18 -22.83 0.26
C2 EDO K . -23.71 -21.00 1.74
O2 EDO K . -22.79 -20.62 2.78
C1 EDO L . -17.34 -21.92 3.98
O1 EDO L . -16.98 -23.01 3.13
C2 EDO L . -17.87 -20.76 3.16
O2 EDO L . -19.02 -21.20 2.42
C1 B3P M . -4.68 -17.38 13.37
C2 B3P M . -3.56 -18.38 13.81
C3 B3P M . -4.90 -16.27 14.42
N1 B3P M . -5.45 -16.90 15.63
C4 B3P M . -5.63 -15.93 16.72
C5 B3P M . -6.56 -14.81 16.26
C6 B3P M . -6.25 -16.70 17.91
C7 B3P M . -4.28 -15.33 17.12
N2 B3P M . -4.11 -19.39 14.73
C8 B3P M . -3.04 -20.15 15.45
C9 B3P M . -2.45 -19.27 16.55
C10 B3P M . -3.67 -21.40 16.08
C11 B3P M . -1.93 -20.56 14.48
O1 B3P M . -3.47 -18.93 17.47
O2 B3P M . -2.71 -22.08 16.82
O3 B3P M . -2.43 -21.49 13.57
O4 B3P M . -7.74 -15.33 15.70
O5 B3P M . -6.53 -15.83 18.99
O6 B3P M . -3.46 -16.31 17.68
C1 EDO N . -2.56 -21.21 5.52
O1 EDO N . -2.96 -22.05 4.43
C2 EDO N . -1.81 -20.00 4.98
O2 EDO N . -0.86 -19.56 5.95
C1 EDO O . -10.30 -11.51 -8.60
O1 EDO O . -9.43 -11.53 -9.73
C2 EDO O . -9.61 -11.99 -7.33
O2 EDO O . -9.07 -10.90 -6.58
C1 EDO P . 8.87 14.21 -19.98
O1 EDO P . 8.45 14.25 -18.61
C2 EDO P . 9.03 12.77 -20.46
O2 EDO P . 9.22 12.79 -21.87
C1 EDO Q . 21.49 -2.30 11.68
O1 EDO Q . 21.76 -1.05 12.29
C2 EDO Q . 22.73 -2.83 10.96
O2 EDO Q . 22.46 -4.04 10.25
C1 EDO R . 13.64 -1.20 -15.04
O1 EDO R . 12.39 -0.94 -14.41
C2 EDO R . 14.69 -0.37 -14.33
O2 EDO R . 15.99 -0.61 -14.85
C1 EDO S . 14.70 -2.06 -1.65
O1 EDO S . 14.56 -2.21 -0.23
C2 EDO S . 14.55 -0.60 -2.06
O2 EDO S . 13.17 -0.21 -2.03
C1 EDO T . 20.19 26.19 2.23
O1 EDO T . 19.35 25.72 3.28
C2 EDO T . 19.32 26.65 1.06
O2 EDO T . 20.16 27.04 -0.05
C1 EDO U . 33.98 3.95 -0.66
O1 EDO U . 33.41 2.80 -1.32
C2 EDO U . 33.46 4.07 0.77
O2 EDO U . 33.68 5.39 1.28
C1 EDO V . 22.01 9.24 -13.59
O1 EDO V . 22.55 9.62 -14.87
C2 EDO V . 23.15 8.78 -12.69
O2 EDO V . 23.06 9.46 -11.42
C1 EDO W . 15.96 27.27 -8.99
O1 EDO W . 15.32 28.11 -8.01
C2 EDO W . 15.89 27.94 -10.36
O2 EDO W . 16.79 27.27 -11.26
C1 B3P X . 6.13 14.73 -15.78
C2 B3P X . 5.42 14.51 -17.14
C3 B3P X . 5.62 15.99 -15.07
N1 B3P X . 5.97 17.17 -15.87
C4 B3P X . 5.46 18.42 -15.29
C5 B3P X . 3.92 18.40 -15.26
C6 B3P X . 5.98 18.59 -13.84
C7 B3P X . 5.94 19.58 -16.17
N2 B3P X . 6.02 15.34 -18.19
C8 B3P X . 5.16 15.45 -19.39
C9 B3P X . 4.61 14.08 -19.81
C10 B3P X . 3.97 16.38 -19.10
C11 B3P X . 5.99 16.09 -20.52
O1 B3P X . 5.67 13.19 -20.02
O2 B3P X . 4.45 17.67 -18.87
O3 B3P X . 5.27 16.08 -21.71
O4 B3P X . 3.45 18.29 -16.57
O5 B3P X . 7.38 18.48 -13.80
O6 B3P X . 5.49 20.80 -15.63
C1 EDO Y . 7.89 4.78 -17.58
O1 EDO Y . 7.66 5.68 -16.50
C2 EDO Y . 9.00 3.80 -17.21
O2 EDO Y . 8.64 2.48 -17.64
C1 EDO Z . 20.79 -10.81 -1.69
O1 EDO Z . 21.99 -10.80 -0.90
C2 EDO Z . 20.74 -9.55 -2.54
O2 EDO Z . 19.95 -9.82 -3.71
#